data_7SUI
#
_entry.id   7SUI
#
_cell.length_a   45.091
_cell.length_b   65.882
_cell.length_c   54.923
_cell.angle_alpha   90.000
_cell.angle_beta   102.520
_cell.angle_gamma   90.000
#
_symmetry.space_group_name_H-M   'P 1 21 1'
#
loop_
_entity.id
_entity.type
_entity.pdbx_description
1 polymer 'Serine/threonine-protein kinase Chk1'
2 non-polymer (3R,4R)-4-{(3S,4S)-4-[6-chloro-2-({5-chloro-1-[(1R)-2,2-difluorocyclopropyl]-1H-pyrazol-4-yl}amino)quinazolin-7-yl]-3-fluoropiperidin-1-yl}oxolan-3-ol
3 water water
#
_entity_poly.entity_id   1
_entity_poly.type   'polypeptide(L)'
_entity_poly.pdbx_seq_one_letter_code
;MAVPFVEDWDLVQTLGEGAYGEVQLAVNRVTEEAVAVKIVDMKRAVDCPENIKKEICILKMLNHENVIKFYGHRREGNIQ
YLFMELASGGSLFDRIEPDIGMPEPDAQRFFHQLMAGVVYLHGIGITHRDIKPHNLLLDERDNLKIADYSLATVFRYNNR
ERLLNKMCGTLPYVAPELLKRREFHAEPVDVWSCGIVLTAMLAGELPWDQPSDSCQEYSDWKEKKTYLNPWKKIDSAPLA
LLHKILVENPSARITIPDIKKDRWYNKPLKKGAKRPRVTSGGVSESPSGHHHHHHHH
;
_entity_poly.pdbx_strand_id   A
#
loop_
_chem_comp.id
_chem_comp.type
_chem_comp.name
_chem_comp.formula
L80 non-polymer (3R,4R)-4-{(3S,4S)-4-[6-chloro-2-({5-chloro-1-[(1R)-2,2-difluorocyclopropyl]-1H-pyrazol-4-yl}amino)quinazolin-7-yl]-3-fluoropiperidin-1-yl}oxolan-3-ol 'C23 H23 Cl2 F3 N6 O2'
#
# COMPACT_ATOMS: atom_id res chain seq x y z
N PRO A 4 9.10 4.02 -28.84
CA PRO A 4 9.74 5.01 -27.96
C PRO A 4 10.95 4.45 -27.22
N PHE A 5 11.80 5.35 -26.68
CA PHE A 5 13.01 4.96 -25.95
C PHE A 5 13.63 6.13 -25.18
N VAL A 6 14.44 5.82 -24.16
CA VAL A 6 15.13 6.84 -23.36
C VAL A 6 16.58 6.47 -23.23
N GLU A 7 17.47 7.21 -23.91
CA GLU A 7 18.93 7.01 -23.85
C GLU A 7 19.34 5.54 -24.15
N ASP A 8 19.56 4.69 -23.13
CA ASP A 8 19.98 3.30 -23.25
C ASP A 8 18.80 2.30 -23.18
N TRP A 9 17.66 2.73 -22.64
CA TRP A 9 16.50 1.86 -22.42
C TRP A 9 15.44 1.96 -23.50
N ASP A 10 14.80 0.84 -23.82
CA ASP A 10 13.75 0.76 -24.82
C ASP A 10 12.41 0.51 -24.10
N LEU A 11 11.41 1.39 -24.32
CA LEU A 11 10.08 1.32 -23.71
C LEU A 11 9.24 0.25 -24.40
N VAL A 12 9.03 -0.90 -23.75
CA VAL A 12 8.34 -2.03 -24.35
C VAL A 12 6.83 -2.16 -24.04
N GLN A 13 6.42 -2.24 -22.76
CA GLN A 13 5.02 -2.50 -22.42
C GLN A 13 4.51 -1.63 -21.25
N THR A 14 3.27 -1.11 -21.36
CA THR A 14 2.69 -0.28 -20.31
C THR A 14 2.28 -1.12 -19.10
N LEU A 15 2.80 -0.76 -17.92
CA LEU A 15 2.51 -1.48 -16.68
C LEU A 15 1.36 -0.89 -15.85
N GLY A 16 0.85 0.27 -16.24
CA GLY A 16 -0.24 0.90 -15.53
C GLY A 16 -0.22 2.42 -15.58
N GLU A 17 -1.28 3.06 -15.09
CA GLU A 17 -1.39 4.51 -15.07
C GLU A 17 -1.99 4.99 -13.74
N GLY A 18 -1.63 6.20 -13.34
CA GLY A 18 -2.12 6.82 -12.11
C GLY A 18 -2.61 8.24 -12.31
N ALA A 19 -2.76 9.01 -11.20
CA ALA A 19 -3.23 10.39 -11.24
C ALA A 19 -2.34 11.27 -12.10
N TYR A 20 -1.03 11.07 -12.00
CA TYR A 20 -0.05 11.80 -12.79
C TYR A 20 0.94 10.83 -13.39
N GLY A 21 0.84 10.63 -14.71
CA GLY A 21 1.78 9.76 -15.40
C GLY A 21 1.27 8.42 -15.93
N GLU A 22 2.25 7.53 -16.19
CA GLU A 22 2.11 6.18 -16.74
C GLU A 22 3.44 5.43 -16.49
N VAL A 23 3.39 4.19 -16.01
CA VAL A 23 4.61 3.41 -15.78
C VAL A 23 4.85 2.49 -16.98
N GLN A 24 6.08 2.49 -17.49
CA GLN A 24 6.45 1.68 -18.64
C GLN A 24 7.57 0.72 -18.30
N LEU A 25 7.58 -0.46 -18.91
CA LEU A 25 8.64 -1.43 -18.70
C LEU A 25 9.76 -1.10 -19.69
N ALA A 26 10.99 -0.90 -19.20
CA ALA A 26 12.13 -0.55 -20.03
C ALA A 26 13.24 -1.61 -20.06
N VAL A 27 13.64 -2.05 -21.26
CA VAL A 27 14.72 -3.04 -21.38
C VAL A 27 15.99 -2.36 -21.92
N ASN A 28 17.13 -2.50 -21.20
CA ASN A 28 18.41 -1.92 -21.61
C ASN A 28 18.83 -2.59 -22.93
N ARG A 29 19.11 -1.80 -23.97
CA ARG A 29 19.50 -2.36 -25.28
C ARG A 29 20.88 -3.05 -25.23
N VAL A 30 21.76 -2.57 -24.35
CA VAL A 30 23.09 -3.13 -24.20
C VAL A 30 23.11 -4.36 -23.26
N THR A 31 22.76 -4.19 -21.96
CA THR A 31 22.83 -5.25 -20.93
C THR A 31 21.57 -6.13 -20.80
N GLU A 32 20.48 -5.85 -21.55
CA GLU A 32 19.23 -6.63 -21.51
C GLU A 32 18.49 -6.58 -20.16
N GLU A 33 18.96 -5.77 -19.22
CA GLU A 33 18.39 -5.59 -17.88
C GLU A 33 17.04 -4.85 -17.98
N ALA A 34 15.99 -5.38 -17.32
CA ALA A 34 14.68 -4.74 -17.37
C ALA A 34 14.33 -3.99 -16.07
N VAL A 35 13.83 -2.75 -16.19
CA VAL A 35 13.44 -1.88 -15.06
C VAL A 35 12.05 -1.23 -15.33
N ALA A 36 11.50 -0.48 -14.35
CA ALA A 36 10.22 0.23 -14.52
C ALA A 36 10.49 1.73 -14.56
N VAL A 37 9.80 2.48 -15.43
CA VAL A 37 10.00 3.92 -15.56
C VAL A 37 8.69 4.68 -15.47
N LYS A 38 8.57 5.61 -14.51
CA LYS A 38 7.38 6.46 -14.40
C LYS A 38 7.61 7.62 -15.35
N ILE A 39 6.68 7.84 -16.28
CA ILE A 39 6.80 8.89 -17.29
C ILE A 39 5.85 10.04 -16.97
N VAL A 40 6.39 11.05 -16.29
CA VAL A 40 5.60 12.19 -15.83
C VAL A 40 5.68 13.38 -16.79
N ASP A 41 4.50 13.94 -17.14
CA ASP A 41 4.36 15.10 -18.01
C ASP A 41 4.32 16.39 -17.18
N MET A 42 4.93 17.48 -17.70
CA MET A 42 5.02 18.79 -17.04
C MET A 42 5.84 18.74 -15.76
N PRO A 49 4.75 20.22 -10.01
CA PRO A 49 6.04 20.92 -10.04
C PRO A 49 6.79 20.80 -8.70
N GLU A 50 6.08 21.05 -7.59
CA GLU A 50 6.65 20.93 -6.24
C GLU A 50 6.43 19.51 -5.66
N ASN A 51 5.39 18.80 -6.14
CA ASN A 51 5.06 17.44 -5.73
C ASN A 51 6.02 16.43 -6.38
N ILE A 52 6.51 16.72 -7.60
CA ILE A 52 7.47 15.86 -8.29
C ILE A 52 8.86 15.98 -7.66
N LYS A 53 9.22 17.18 -7.17
CA LYS A 53 10.49 17.42 -6.47
C LYS A 53 10.50 16.69 -5.12
N LYS A 54 9.33 16.68 -4.44
CA LYS A 54 9.10 16.01 -3.15
C LYS A 54 9.09 14.49 -3.32
N GLU A 55 8.47 14.00 -4.41
CA GLU A 55 8.41 12.57 -4.68
C GLU A 55 9.80 12.01 -4.91
N ILE A 56 10.63 12.71 -5.71
CA ILE A 56 12.02 12.31 -6.00
C ILE A 56 12.86 12.27 -4.72
N CYS A 57 12.62 13.23 -3.82
CA CYS A 57 13.33 13.29 -2.55
C CYS A 57 13.02 12.06 -1.69
N ILE A 58 11.72 11.74 -1.52
CA ILE A 58 11.26 10.57 -0.76
C ILE A 58 11.82 9.29 -1.37
N LEU A 59 11.79 9.17 -2.71
CA LEU A 59 12.29 8.01 -3.45
C LEU A 59 13.78 7.69 -3.20
N LYS A 60 14.65 8.71 -3.13
CA LYS A 60 16.07 8.48 -2.86
C LYS A 60 16.34 7.95 -1.43
N MET A 61 15.45 8.25 -0.46
CA MET A 61 15.60 7.75 0.92
C MET A 61 15.30 6.26 1.05
N LEU A 62 14.52 5.69 0.13
CA LEU A 62 14.04 4.32 0.25
C LEU A 62 15.07 3.23 -0.06
N ASN A 63 15.32 2.39 0.94
CA ASN A 63 16.21 1.26 0.83
C ASN A 63 15.75 0.15 1.78
N HIS A 64 14.85 -0.72 1.30
CA HIS A 64 14.29 -1.86 2.01
C HIS A 64 13.79 -2.91 0.99
N GLU A 65 13.91 -4.22 1.34
CA GLU A 65 13.51 -5.34 0.46
C GLU A 65 12.01 -5.40 0.17
N ASN A 66 11.17 -4.75 0.99
CA ASN A 66 9.71 -4.68 0.77
C ASN A 66 9.24 -3.28 0.33
N VAL A 67 10.15 -2.46 -0.21
CA VAL A 67 9.86 -1.13 -0.72
C VAL A 67 10.50 -1.05 -2.10
N ILE A 68 9.78 -0.57 -3.13
CA ILE A 68 10.30 -0.46 -4.51
C ILE A 68 11.56 0.42 -4.57
N LYS A 69 12.69 -0.18 -5.00
CA LYS A 69 13.99 0.49 -5.09
C LYS A 69 14.08 1.57 -6.16
N PHE A 70 14.67 2.73 -5.84
CA PHE A 70 14.84 3.83 -6.78
C PHE A 70 16.24 3.77 -7.40
N TYR A 71 16.36 4.15 -8.67
CA TYR A 71 17.64 4.11 -9.38
C TYR A 71 18.15 5.52 -9.71
N GLY A 72 17.27 6.35 -10.22
CA GLY A 72 17.59 7.72 -10.59
C GLY A 72 16.55 8.31 -11.52
N HIS A 73 16.73 9.57 -11.89
CA HIS A 73 15.80 10.23 -12.80
C HIS A 73 16.53 11.00 -13.89
N ARG A 74 15.93 11.08 -15.08
CA ARG A 74 16.49 11.86 -16.18
C ARG A 74 15.44 12.85 -16.67
N ARG A 75 15.85 14.09 -16.97
CA ARG A 75 14.89 15.08 -17.49
C ARG A 75 15.12 15.32 -18.98
N GLU A 76 14.06 15.22 -19.79
CA GLU A 76 14.16 15.45 -21.22
C GLU A 76 13.11 16.47 -21.65
N GLY A 77 13.40 17.73 -21.36
CA GLY A 77 12.51 18.84 -21.67
C GLY A 77 11.43 18.99 -20.63
N ASN A 78 10.20 18.59 -20.97
CA ASN A 78 9.10 18.63 -20.02
C ASN A 78 8.68 17.22 -19.51
N ILE A 79 9.47 16.18 -19.84
CA ILE A 79 9.20 14.80 -19.46
C ILE A 79 10.29 14.21 -18.55
N GLN A 80 9.89 13.79 -17.34
CA GLN A 80 10.81 13.15 -16.39
C GLN A 80 10.69 11.63 -16.49
N TYR A 81 11.72 10.90 -16.07
CA TYR A 81 11.74 9.45 -16.13
C TYR A 81 12.20 8.88 -14.79
N LEU A 82 11.29 8.36 -13.96
CA LEU A 82 11.67 7.81 -12.66
C LEU A 82 12.02 6.34 -12.74
N PHE A 83 13.31 6.02 -12.71
CA PHE A 83 13.77 4.65 -12.82
C PHE A 83 13.65 3.92 -11.50
N MET A 84 12.75 2.93 -11.46
CA MET A 84 12.46 2.11 -10.29
C MET A 84 12.69 0.64 -10.58
N GLU A 85 12.81 -0.15 -9.51
CA GLU A 85 12.96 -1.61 -9.53
C GLU A 85 11.75 -2.22 -10.26
N LEU A 86 11.97 -3.28 -11.05
CA LEU A 86 10.86 -3.91 -11.76
C LEU A 86 10.36 -5.09 -10.94
N ALA A 87 9.05 -5.12 -10.68
CA ALA A 87 8.44 -6.22 -9.96
C ALA A 87 7.80 -7.07 -11.04
N SER A 88 8.49 -8.15 -11.46
CA SER A 88 8.05 -8.99 -12.58
C SER A 88 6.80 -9.83 -12.30
N GLY A 89 6.39 -9.93 -11.04
CA GLY A 89 5.22 -10.72 -10.63
C GLY A 89 3.88 -10.02 -10.71
N GLY A 90 3.87 -8.77 -11.14
CA GLY A 90 2.64 -8.00 -11.26
C GLY A 90 2.18 -7.43 -9.92
N SER A 91 0.89 -7.17 -9.77
CA SER A 91 0.37 -6.64 -8.51
C SER A 91 -0.30 -7.72 -7.65
N LEU A 92 -0.50 -7.40 -6.36
CA LEU A 92 -1.23 -8.24 -5.42
C LEU A 92 -2.73 -8.26 -5.81
N PHE A 93 -3.24 -7.20 -6.50
CA PHE A 93 -4.61 -7.10 -6.95
C PHE A 93 -4.97 -8.29 -7.84
N ASP A 94 -4.05 -8.65 -8.74
CA ASP A 94 -4.21 -9.75 -9.69
C ASP A 94 -4.10 -11.13 -9.09
N ARG A 95 -3.68 -11.23 -7.82
CA ARG A 95 -3.62 -12.48 -7.08
C ARG A 95 -4.87 -12.70 -6.21
N ILE A 96 -5.78 -11.72 -6.13
CA ILE A 96 -6.99 -11.86 -5.33
C ILE A 96 -8.09 -12.26 -6.26
N GLU A 97 -8.64 -13.45 -6.06
CA GLU A 97 -9.74 -13.96 -6.86
C GLU A 97 -10.99 -13.31 -6.34
N PRO A 98 -11.80 -12.65 -7.19
CA PRO A 98 -13.00 -11.95 -6.68
C PRO A 98 -14.00 -12.88 -5.99
N ASP A 99 -14.46 -12.46 -4.80
CA ASP A 99 -15.38 -13.16 -3.88
C ASP A 99 -14.74 -14.35 -3.16
N ILE A 100 -13.46 -14.68 -3.45
CA ILE A 100 -12.79 -15.82 -2.81
C ILE A 100 -11.55 -15.34 -1.99
N GLY A 101 -10.73 -14.53 -2.63
CA GLY A 101 -9.51 -13.99 -2.06
C GLY A 101 -8.30 -14.81 -2.44
N MET A 102 -7.69 -15.46 -1.45
CA MET A 102 -6.53 -16.30 -1.69
C MET A 102 -6.32 -17.26 -0.51
N PRO A 103 -5.48 -18.30 -0.67
CA PRO A 103 -5.22 -19.21 0.45
C PRO A 103 -4.61 -18.44 1.61
N GLU A 104 -5.11 -18.70 2.84
CA GLU A 104 -4.72 -18.06 4.10
C GLU A 104 -3.22 -18.01 4.35
N PRO A 105 -2.43 -19.06 3.99
CA PRO A 105 -0.98 -18.95 4.17
C PRO A 105 -0.32 -17.93 3.22
N ASP A 106 -0.90 -17.70 2.04
CA ASP A 106 -0.37 -16.68 1.12
C ASP A 106 -0.75 -15.29 1.64
N ALA A 107 -1.96 -15.13 2.19
CA ALA A 107 -2.39 -13.87 2.76
C ALA A 107 -1.52 -13.51 3.95
N GLN A 108 -1.24 -14.48 4.81
CA GLN A 108 -0.38 -14.25 5.98
C GLN A 108 1.04 -13.85 5.59
N ARG A 109 1.58 -14.47 4.54
CA ARG A 109 2.94 -14.18 4.10
C ARG A 109 3.04 -12.78 3.48
N PHE A 110 2.08 -12.41 2.61
CA PHE A 110 2.00 -11.08 2.03
C PHE A 110 1.78 -10.03 3.14
N PHE A 111 1.01 -10.38 4.18
CA PHE A 111 0.75 -9.47 5.29
C PHE A 111 2.01 -9.20 6.14
N HIS A 112 2.83 -10.24 6.41
CA HIS A 112 4.10 -10.10 7.14
C HIS A 112 5.02 -9.12 6.39
N GLN A 113 5.09 -9.27 5.04
CA GLN A 113 5.92 -8.43 4.19
C GLN A 113 5.39 -7.00 4.05
N LEU A 114 4.07 -6.83 4.11
CA LEU A 114 3.46 -5.51 4.05
C LEU A 114 3.78 -4.78 5.32
N MET A 115 3.69 -5.46 6.49
CA MET A 115 4.05 -4.88 7.79
C MET A 115 5.53 -4.47 7.86
N ALA A 116 6.44 -5.30 7.27
CA ALA A 116 7.87 -5.04 7.24
C ALA A 116 8.15 -3.73 6.50
N GLY A 117 7.45 -3.52 5.37
CA GLY A 117 7.60 -2.32 4.58
C GLY A 117 7.03 -1.10 5.27
N VAL A 118 5.91 -1.24 5.98
CA VAL A 118 5.25 -0.13 6.65
C VAL A 118 6.01 0.26 7.92
N VAL A 119 6.60 -0.72 8.63
CA VAL A 119 7.49 -0.48 9.78
C VAL A 119 8.72 0.29 9.27
N TYR A 120 9.30 -0.16 8.14
CA TYR A 120 10.42 0.56 7.54
C TYR A 120 10.08 2.05 7.24
N LEU A 121 9.03 2.29 6.41
CA LEU A 121 8.57 3.63 6.03
C LEU A 121 8.32 4.49 7.24
N HIS A 122 7.59 3.97 8.22
CA HIS A 122 7.30 4.69 9.46
C HIS A 122 8.58 5.02 10.28
N GLY A 123 9.60 4.18 10.20
CA GLY A 123 10.87 4.37 10.91
C GLY A 123 11.71 5.49 10.34
N ILE A 124 11.65 5.67 9.01
CA ILE A 124 12.29 6.79 8.33
C ILE A 124 11.34 8.03 8.23
N GLY A 125 10.23 8.03 8.96
CA GLY A 125 9.31 9.16 9.04
C GLY A 125 8.43 9.41 7.82
N ILE A 126 8.27 8.41 6.95
CA ILE A 126 7.45 8.48 5.74
C ILE A 126 6.11 7.73 5.91
N THR A 127 4.99 8.36 5.49
CA THR A 127 3.70 7.68 5.41
C THR A 127 3.35 7.54 3.94
N HIS A 128 2.92 6.35 3.49
CA HIS A 128 2.60 6.11 2.08
C HIS A 128 1.28 6.81 1.64
N ARG A 129 0.25 6.80 2.51
CA ARG A 129 -1.06 7.45 2.35
C ARG A 129 -2.02 6.83 1.29
N ASP A 130 -1.61 5.73 0.61
CA ASP A 130 -2.48 5.11 -0.37
C ASP A 130 -2.23 3.61 -0.48
N ILE A 131 -2.11 2.89 0.65
CA ILE A 131 -1.90 1.44 0.59
C ILE A 131 -3.17 0.71 0.09
N LYS A 132 -3.03 -0.03 -0.99
CA LYS A 132 -4.09 -0.82 -1.63
C LYS A 132 -3.44 -1.89 -2.51
N PRO A 133 -4.13 -2.98 -2.85
CA PRO A 133 -3.49 -4.06 -3.63
C PRO A 133 -2.88 -3.60 -4.95
N HIS A 134 -3.39 -2.51 -5.55
CA HIS A 134 -2.83 -1.95 -6.77
C HIS A 134 -1.40 -1.42 -6.59
N ASN A 135 -1.12 -0.87 -5.41
CA ASN A 135 0.18 -0.32 -5.01
C ASN A 135 1.12 -1.36 -4.39
N LEU A 136 0.65 -2.61 -4.20
CA LEU A 136 1.47 -3.66 -3.62
C LEU A 136 1.89 -4.58 -4.75
N LEU A 137 3.16 -4.53 -5.14
CA LEU A 137 3.69 -5.29 -6.27
C LEU A 137 4.49 -6.49 -5.84
N LEU A 138 4.59 -7.50 -6.70
CA LEU A 138 5.27 -8.74 -6.37
C LEU A 138 6.47 -8.99 -7.25
N ASP A 139 7.60 -9.46 -6.68
CA ASP A 139 8.78 -9.78 -7.48
C ASP A 139 8.71 -11.23 -8.02
N GLU A 140 9.75 -11.73 -8.68
CA GLU A 140 9.79 -13.10 -9.22
C GLU A 140 9.66 -14.19 -8.11
N ARG A 141 10.24 -13.95 -6.93
CA ARG A 141 10.16 -14.89 -5.79
C ARG A 141 8.90 -14.64 -4.92
N ASP A 142 7.90 -13.89 -5.45
CA ASP A 142 6.63 -13.55 -4.80
C ASP A 142 6.80 -12.61 -3.59
N ASN A 143 7.75 -11.67 -3.65
CA ASN A 143 7.96 -10.74 -2.55
C ASN A 143 7.21 -9.45 -2.75
N LEU A 144 6.52 -9.01 -1.70
CA LEU A 144 5.71 -7.81 -1.73
C LEU A 144 6.62 -6.60 -1.64
N LYS A 145 6.33 -5.59 -2.45
CA LYS A 145 7.02 -4.32 -2.50
C LYS A 145 5.97 -3.22 -2.52
N ILE A 146 6.13 -2.22 -1.66
CA ILE A 146 5.20 -1.10 -1.64
C ILE A 146 5.71 -0.14 -2.69
N ALA A 147 4.86 0.20 -3.65
CA ALA A 147 5.20 1.07 -4.76
C ALA A 147 4.29 2.32 -4.80
N ASP A 148 4.69 3.35 -5.60
CA ASP A 148 3.99 4.61 -5.82
C ASP A 148 4.02 5.55 -4.62
N TYR A 149 5.03 6.43 -4.61
CA TYR A 149 5.25 7.39 -3.55
C TYR A 149 4.85 8.80 -3.93
N SER A 150 3.87 8.96 -4.86
CA SER A 150 3.39 10.28 -5.25
C SER A 150 2.48 10.92 -4.19
N LEU A 151 1.86 10.12 -3.32
CA LEU A 151 1.06 10.67 -2.23
C LEU A 151 1.85 10.62 -0.91
N ALA A 152 3.02 9.95 -0.86
CA ALA A 152 3.85 9.82 0.34
C ALA A 152 4.25 11.17 0.92
N THR A 153 4.33 11.28 2.23
CA THR A 153 4.72 12.50 2.91
C THR A 153 5.50 12.21 4.19
N VAL A 154 6.26 13.21 4.65
CA VAL A 154 7.05 13.14 5.86
C VAL A 154 6.12 13.47 7.00
N PHE A 155 5.97 12.56 7.94
CA PHE A 155 5.19 12.79 9.15
C PHE A 155 6.12 12.96 10.36
N ARG A 156 7.43 12.64 10.23
CA ARG A 156 8.38 12.79 11.31
C ARG A 156 9.70 13.33 10.78
N TYR A 157 10.08 14.48 11.30
CA TYR A 157 11.33 15.12 10.90
C TYR A 157 12.01 15.61 12.18
N ASN A 158 13.29 15.26 12.37
CA ASN A 158 14.03 15.63 13.56
C ASN A 158 13.42 15.04 14.81
N ASN A 159 12.85 13.81 14.69
CA ASN A 159 12.21 13.13 15.82
C ASN A 159 10.99 13.93 16.37
N ARG A 160 10.39 14.75 15.52
CA ARG A 160 9.22 15.54 15.84
C ARG A 160 8.06 15.15 14.91
N GLU A 161 6.95 14.68 15.49
CA GLU A 161 5.82 14.25 14.71
C GLU A 161 4.99 15.44 14.23
N ARG A 162 4.52 15.34 12.99
CA ARG A 162 3.68 16.31 12.32
C ARG A 162 2.35 15.65 12.05
N LEU A 163 1.24 16.27 12.50
CA LEU A 163 -0.09 15.75 12.22
C LEU A 163 -0.47 16.09 10.77
N LEU A 164 -1.29 15.25 10.13
CA LEU A 164 -1.71 15.50 8.75
C LEU A 164 -3.09 16.17 8.70
N ASN A 165 -3.38 16.83 7.58
CA ASN A 165 -4.71 17.41 7.37
C ASN A 165 -5.23 17.17 5.95
N LYS A 166 -4.31 16.99 4.98
CA LYS A 166 -4.70 16.72 3.60
C LYS A 166 -5.48 15.39 3.43
N MET A 167 -6.57 15.46 2.65
CA MET A 167 -7.42 14.34 2.32
C MET A 167 -6.78 13.65 1.15
N CYS A 168 -6.53 12.35 1.28
CA CYS A 168 -5.99 11.58 0.17
C CYS A 168 -6.07 10.08 0.41
N GLY A 169 -5.80 9.31 -0.63
CA GLY A 169 -5.96 7.87 -0.59
C GLY A 169 -7.09 7.45 -1.52
N THR A 170 -7.69 6.30 -1.22
CA THR A 170 -8.79 5.68 -1.95
C THR A 170 -9.87 5.38 -0.93
N LEU A 171 -11.09 5.88 -1.16
CA LEU A 171 -12.19 5.79 -0.21
C LEU A 171 -12.41 4.43 0.47
N PRO A 172 -12.46 3.28 -0.24
CA PRO A 172 -12.67 2.02 0.48
C PRO A 172 -11.53 1.64 1.44
N TYR A 173 -10.33 2.21 1.23
CA TYR A 173 -9.12 2.01 2.02
C TYR A 173 -8.85 3.08 3.07
N VAL A 174 -9.46 4.30 2.98
CA VAL A 174 -9.17 5.35 3.97
C VAL A 174 -9.76 5.06 5.36
N ALA A 175 -9.05 5.56 6.39
CA ALA A 175 -9.45 5.45 7.79
C ALA A 175 -10.55 6.50 8.06
N PRO A 176 -11.49 6.18 8.97
CA PRO A 176 -12.59 7.12 9.26
C PRO A 176 -12.20 8.52 9.80
N GLU A 177 -11.03 8.66 10.43
CA GLU A 177 -10.59 9.95 10.94
C GLU A 177 -10.26 10.94 9.82
N LEU A 178 -9.92 10.46 8.60
CA LEU A 178 -9.66 11.41 7.48
C LEU A 178 -10.94 12.15 7.13
N LEU A 179 -12.10 11.50 7.28
CA LEU A 179 -13.39 12.08 6.97
C LEU A 179 -13.92 12.97 8.10
N LYS A 180 -13.69 12.58 9.35
CA LYS A 180 -14.24 13.26 10.51
C LYS A 180 -13.32 14.19 11.29
N ARG A 181 -11.99 14.23 11.00
CA ARG A 181 -11.08 15.05 11.80
C ARG A 181 -10.28 16.04 10.99
N ARG A 182 -10.01 17.25 11.52
CA ARG A 182 -9.22 18.24 10.78
C ARG A 182 -7.75 17.88 10.79
N GLU A 183 -7.28 17.30 11.88
CA GLU A 183 -5.91 16.82 12.01
C GLU A 183 -5.90 15.41 12.56
N PHE A 184 -4.98 14.59 12.08
CA PHE A 184 -4.89 13.20 12.49
C PHE A 184 -3.45 12.66 12.41
N HIS A 185 -3.16 11.59 13.17
CA HIS A 185 -1.84 10.95 13.15
C HIS A 185 -1.69 10.10 11.86
N ALA A 186 -0.48 10.04 11.28
CA ALA A 186 -0.24 9.33 10.02
C ALA A 186 -0.17 7.81 10.11
N GLU A 187 0.51 7.29 11.14
CA GLU A 187 0.69 5.86 11.31
C GLU A 187 -0.63 5.08 11.42
N PRO A 188 -1.63 5.46 12.27
CA PRO A 188 -2.88 4.68 12.30
C PRO A 188 -3.68 4.67 10.98
N VAL A 189 -3.43 5.63 10.08
CA VAL A 189 -4.13 5.67 8.80
C VAL A 189 -3.59 4.53 7.89
N ASP A 190 -2.28 4.36 7.88
CA ASP A 190 -1.61 3.30 7.14
C ASP A 190 -1.97 1.90 7.67
N VAL A 191 -2.18 1.80 8.98
CA VAL A 191 -2.53 0.54 9.63
C VAL A 191 -3.94 0.12 9.20
N TRP A 192 -4.88 1.09 9.17
CA TRP A 192 -6.25 0.85 8.75
C TRP A 192 -6.29 0.28 7.32
N SER A 193 -5.53 0.88 6.39
CA SER A 193 -5.51 0.44 5.00
C SER A 193 -4.89 -0.95 4.87
N CYS A 194 -3.95 -1.31 5.73
CA CYS A 194 -3.38 -2.66 5.76
C CYS A 194 -4.42 -3.69 6.21
N GLY A 195 -5.31 -3.30 7.12
CA GLY A 195 -6.48 -4.09 7.48
C GLY A 195 -7.50 -4.27 6.36
N ILE A 196 -7.76 -3.25 5.50
CA ILE A 196 -8.69 -3.42 4.34
C ILE A 196 -8.03 -4.38 3.29
N VAL A 197 -6.69 -4.26 3.12
CA VAL A 197 -5.93 -5.13 2.25
C VAL A 197 -6.00 -6.56 2.76
N LEU A 198 -5.89 -6.76 4.09
CA LEU A 198 -6.03 -8.08 4.69
C LEU A 198 -7.40 -8.66 4.38
N THR A 199 -8.46 -7.88 4.61
CA THR A 199 -9.83 -8.26 4.27
C THR A 199 -9.96 -8.70 2.79
N ALA A 200 -9.43 -7.90 1.86
CA ALA A 200 -9.45 -8.19 0.43
C ALA A 200 -8.75 -9.50 0.13
N MET A 201 -7.58 -9.75 0.70
CA MET A 201 -6.86 -11.01 0.52
C MET A 201 -7.64 -12.26 1.05
N LEU A 202 -8.42 -12.14 2.14
CA LEU A 202 -9.12 -13.26 2.77
C LEU A 202 -10.58 -13.46 2.35
N ALA A 203 -11.17 -12.46 1.70
CA ALA A 203 -12.57 -12.53 1.27
C ALA A 203 -12.81 -12.11 -0.17
N GLY A 204 -11.81 -11.53 -0.85
CA GLY A 204 -11.89 -11.09 -2.24
C GLY A 204 -12.98 -10.05 -2.48
N GLU A 205 -13.25 -9.24 -1.45
CA GLU A 205 -14.30 -8.26 -1.46
C GLU A 205 -14.00 -7.15 -0.46
N LEU A 206 -14.36 -5.90 -0.79
CA LEU A 206 -14.15 -4.75 0.10
C LEU A 206 -15.38 -4.59 0.98
N PRO A 207 -15.22 -4.36 2.29
CA PRO A 207 -16.39 -4.35 3.17
C PRO A 207 -17.38 -3.21 2.95
N TRP A 208 -16.90 -2.02 2.67
CA TRP A 208 -17.70 -0.81 2.48
C TRP A 208 -17.06 0.07 1.39
N ASP A 209 -17.80 1.07 0.98
CA ASP A 209 -17.40 2.05 -0.04
C ASP A 209 -16.56 3.19 0.57
N GLN A 210 -16.81 3.47 1.85
CA GLN A 210 -16.11 4.45 2.66
C GLN A 210 -16.52 4.22 4.13
N PRO A 211 -15.59 4.44 5.08
CA PRO A 211 -15.93 4.22 6.50
C PRO A 211 -16.68 5.40 7.13
N SER A 212 -17.80 5.82 6.53
CA SER A 212 -18.55 6.97 7.03
C SER A 212 -19.90 6.61 7.67
N ASP A 213 -20.49 7.58 8.39
CA ASP A 213 -21.76 7.50 9.11
C ASP A 213 -22.88 6.91 8.22
N SER A 214 -22.99 7.42 6.99
CA SER A 214 -24.00 7.00 6.01
C SER A 214 -23.94 5.51 5.64
N CYS A 215 -22.72 4.97 5.40
CA CYS A 215 -22.47 3.59 4.98
C CYS A 215 -23.07 2.55 5.92
N GLN A 216 -24.07 1.81 5.40
CA GLN A 216 -24.73 0.78 6.18
C GLN A 216 -23.77 -0.34 6.52
N GLU A 217 -22.90 -0.71 5.57
CA GLU A 217 -21.92 -1.79 5.76
C GLU A 217 -20.92 -1.45 6.86
N TYR A 218 -20.54 -0.17 7.00
CA TYR A 218 -19.64 0.24 8.07
C TYR A 218 -20.36 0.19 9.41
N SER A 219 -21.61 0.67 9.43
CA SER A 219 -22.45 0.67 10.64
C SER A 219 -22.69 -0.74 11.16
N ASP A 220 -22.86 -1.71 10.24
CA ASP A 220 -23.05 -3.12 10.57
C ASP A 220 -21.78 -3.73 11.16
N TRP A 221 -20.59 -3.31 10.67
CA TRP A 221 -19.31 -3.79 11.22
C TRP A 221 -19.16 -3.27 12.64
N LYS A 222 -19.43 -1.97 12.87
CA LYS A 222 -19.35 -1.34 14.18
C LYS A 222 -20.29 -2.00 15.21
N GLU A 223 -21.40 -2.62 14.75
CA GLU A 223 -22.34 -3.35 15.59
C GLU A 223 -21.94 -4.82 15.81
N LYS A 224 -20.76 -5.23 15.34
CA LYS A 224 -20.19 -6.56 15.45
C LYS A 224 -21.10 -7.62 14.81
N LYS A 225 -21.70 -7.25 13.66
CA LYS A 225 -22.55 -8.15 12.88
C LYS A 225 -21.64 -8.93 11.90
N THR A 226 -20.73 -9.77 12.42
CA THR A 226 -19.83 -10.53 11.53
C THR A 226 -20.55 -11.74 10.85
N TYR A 227 -21.88 -11.86 11.03
CA TYR A 227 -22.72 -12.87 10.37
C TYR A 227 -22.96 -12.51 8.87
N LEU A 228 -22.56 -11.29 8.43
CA LEU A 228 -22.66 -10.76 7.06
C LEU A 228 -21.30 -10.83 6.33
N ASN A 229 -21.33 -10.64 5.01
CA ASN A 229 -20.13 -10.59 4.19
C ASN A 229 -19.43 -9.22 4.31
N PRO A 230 -18.10 -9.18 4.11
CA PRO A 230 -17.20 -10.32 3.81
C PRO A 230 -16.70 -11.08 5.02
N TRP A 231 -17.12 -10.72 6.22
CA TRP A 231 -16.62 -11.27 7.48
C TRP A 231 -16.92 -12.75 7.66
N LYS A 232 -18.07 -13.22 7.18
CA LYS A 232 -18.40 -14.66 7.29
C LYS A 232 -17.47 -15.53 6.43
N LYS A 233 -16.80 -14.96 5.42
CA LYS A 233 -15.86 -15.74 4.62
C LYS A 233 -14.53 -15.95 5.34
N ILE A 234 -14.22 -15.11 6.37
CA ILE A 234 -12.95 -15.04 7.10
C ILE A 234 -12.99 -15.83 8.40
N ASP A 235 -11.94 -16.62 8.66
CA ASP A 235 -11.79 -17.46 9.84
C ASP A 235 -11.62 -16.64 11.13
N SER A 236 -11.96 -17.24 12.29
CA SER A 236 -11.95 -16.62 13.62
C SER A 236 -10.58 -16.04 14.06
N ALA A 237 -9.45 -16.68 13.66
CA ALA A 237 -8.14 -16.14 14.01
C ALA A 237 -7.84 -14.84 13.22
N PRO A 238 -7.87 -14.78 11.87
CA PRO A 238 -7.60 -13.49 11.20
C PRO A 238 -8.67 -12.44 11.42
N LEU A 239 -9.94 -12.87 11.67
CA LEU A 239 -11.03 -11.92 11.94
C LEU A 239 -10.83 -11.21 13.30
N ALA A 240 -10.21 -11.88 14.29
CA ALA A 240 -9.90 -11.26 15.59
C ALA A 240 -8.80 -10.15 15.41
N LEU A 241 -7.88 -10.34 14.44
CA LEU A 241 -6.88 -9.34 14.13
C LEU A 241 -7.61 -8.15 13.46
N LEU A 242 -8.50 -8.42 12.52
CA LEU A 242 -9.29 -7.39 11.86
C LEU A 242 -10.14 -6.59 12.84
N HIS A 243 -10.59 -7.23 13.94
CA HIS A 243 -11.35 -6.53 14.96
C HIS A 243 -10.50 -5.47 15.67
N LYS A 244 -9.17 -5.67 15.75
CA LYS A 244 -8.24 -4.75 16.42
C LYS A 244 -7.71 -3.64 15.53
N ILE A 245 -7.58 -3.91 14.21
CA ILE A 245 -7.12 -2.95 13.18
C ILE A 245 -8.25 -2.02 12.75
N LEU A 246 -9.44 -2.56 12.48
CA LEU A 246 -10.55 -1.76 11.96
C LEU A 246 -11.39 -1.14 13.07
N VAL A 247 -10.73 -0.41 13.99
CA VAL A 247 -11.31 0.30 15.13
C VAL A 247 -11.47 1.77 14.74
N GLU A 248 -12.64 2.40 14.99
CA GLU A 248 -12.89 3.78 14.59
C GLU A 248 -11.99 4.82 15.29
N ASN A 249 -11.66 4.58 16.56
CA ASN A 249 -10.79 5.49 17.29
C ASN A 249 -9.34 5.18 16.95
N PRO A 250 -8.66 6.10 16.22
CA PRO A 250 -7.25 5.88 15.85
C PRO A 250 -6.30 5.67 17.01
N SER A 251 -6.63 6.23 18.18
CA SER A 251 -5.85 6.08 19.42
C SER A 251 -6.14 4.77 20.15
N ALA A 252 -7.29 4.14 19.88
CA ALA A 252 -7.64 2.83 20.42
C ALA A 252 -7.20 1.69 19.46
N ARG A 253 -6.90 2.01 18.19
CA ARG A 253 -6.50 1.05 17.17
C ARG A 253 -5.18 0.36 17.51
N ILE A 254 -5.00 -0.87 16.98
CA ILE A 254 -3.79 -1.62 17.23
C ILE A 254 -2.59 -0.97 16.53
N THR A 255 -1.41 -1.04 17.13
CA THR A 255 -0.20 -0.51 16.52
C THR A 255 0.55 -1.67 15.85
N ILE A 256 1.51 -1.38 14.97
CA ILE A 256 2.26 -2.46 14.33
C ILE A 256 3.03 -3.31 15.35
N PRO A 257 3.68 -2.76 16.41
CA PRO A 257 4.32 -3.65 17.42
C PRO A 257 3.34 -4.66 18.04
N ASP A 258 2.07 -4.27 18.26
CA ASP A 258 1.09 -5.17 18.84
C ASP A 258 0.44 -6.08 17.79
N ILE A 259 0.46 -5.71 16.49
CA ILE A 259 0.03 -6.63 15.43
C ILE A 259 1.03 -7.81 15.40
N LYS A 260 2.32 -7.54 15.54
CA LYS A 260 3.38 -8.54 15.59
C LYS A 260 3.22 -9.55 16.75
N LYS A 261 2.41 -9.21 17.79
CA LYS A 261 2.09 -10.07 18.95
C LYS A 261 0.76 -10.83 18.79
N ASP A 262 -0.07 -10.48 17.78
CA ASP A 262 -1.37 -11.12 17.54
C ASP A 262 -1.21 -12.64 17.24
N ARG A 263 -2.20 -13.44 17.69
CA ARG A 263 -2.22 -14.90 17.53
C ARG A 263 -2.20 -15.38 16.07
N TRP A 264 -3.08 -14.86 15.19
CA TRP A 264 -3.07 -15.24 13.79
C TRP A 264 -1.78 -14.83 13.10
N TYR A 265 -1.25 -13.64 13.46
CA TYR A 265 -0.01 -13.14 12.88
C TYR A 265 1.15 -14.14 13.10
N ASN A 266 1.18 -14.79 14.26
CA ASN A 266 2.20 -15.76 14.63
C ASN A 266 1.76 -17.22 14.47
N LYS A 267 0.63 -17.49 13.83
CA LYS A 267 0.11 -18.84 13.67
C LYS A 267 0.74 -19.55 12.52
N PRO A 268 1.39 -20.71 12.73
CA PRO A 268 1.96 -21.45 11.59
C PRO A 268 0.89 -21.97 10.61
N LEU A 269 1.00 -21.56 9.34
CA LEU A 269 0.02 -21.93 8.31
C LEU A 269 0.74 -22.57 7.13
N LYS A 270 0.17 -23.63 6.52
CA LYS A 270 0.83 -24.26 5.37
C LYS A 270 -0.12 -24.67 4.24
N LYS A 271 0.25 -24.36 2.96
CA LYS A 271 -0.44 -24.63 1.68
C LYS A 271 -1.32 -23.45 1.17
F2 L80 B . 1.92 1.69 -12.95
C15 L80 B . 1.45 1.30 -11.68
C16 L80 B . 0.26 2.16 -11.34
N5 L80 B . -0.33 1.79 -10.04
C17 L80 B . -1.59 2.54 -9.87
C20 L80 B . -2.76 2.00 -10.70
O1 L80 B . -2.80 0.57 -10.71
C19 L80 B . -3.95 2.58 -9.97
O L80 B . -3.60 2.56 -8.59
C18 L80 B . -2.17 2.46 -8.46
C21 L80 B . 0.68 2.01 -8.98
C22 L80 B . 1.94 1.21 -9.23
C14 L80 B . 2.54 1.50 -10.62
C13 L80 B . 3.85 0.74 -10.82
C L80 B . 5.05 1.17 -10.27
CL L80 B . 5.16 2.72 -9.51
C12 L80 B . 3.89 -0.31 -11.71
C11 L80 B . 4.96 -1.22 -11.65
C2 L80 B . 6.17 -0.84 -11.02
C1 L80 B . 6.19 0.41 -10.38
N4 L80 B . 4.79 -2.44 -12.24
C4 L80 B . 5.86 -3.26 -12.20
N L80 B . 7.06 -3.00 -11.65
C3 L80 B . 7.19 -1.82 -11.08
N1 L80 B . 5.69 -4.48 -12.82
C5 L80 B . 4.54 -5.00 -13.35
C10 L80 B . 3.20 -4.61 -13.31
N3 L80 B . 2.44 -5.37 -14.10
N2 L80 B . 3.30 -6.27 -14.66
C6 L80 B . 4.57 -6.07 -14.21
CL1 L80 B . 5.91 -6.98 -14.72
C7 L80 B . 2.76 -7.20 -15.68
C9 L80 B . 1.54 -7.92 -15.23
C8 L80 B . 2.74 -8.71 -15.44
F L80 B . 3.42 -9.25 -14.38
F1 L80 B . 2.81 -9.57 -16.51
H3 L80 B . 1.15 0.25 -11.77
H13 L80 B . 0.53 3.21 -11.40
H12 L80 B . -0.47 2.03 -12.14
H4 L80 B . -1.46 3.59 -10.13
H5 L80 B . -2.73 2.25 -11.76
H18 L80 B . -3.30 0.26 -9.90
H17 L80 B . -4.15 3.62 -10.26
H16 L80 B . -4.87 2.03 -10.09
H15 L80 B . -1.99 1.49 -7.96
H14 L80 B . -1.85 3.23 -7.77
H20 L80 B . 0.31 1.72 -8.00
H19 L80 B . 0.95 3.07 -8.87
H22 L80 B . 1.73 0.15 -9.11
H21 L80 B . 2.68 1.43 -8.47
H2 L80 B . 2.78 2.56 -10.62
H11 L80 B . 3.12 -0.47 -12.47
H6 L80 B . 7.13 0.77 -9.95
H7 L80 B . 8.16 -1.63 -10.63
H1 L80 B . 6.50 -5.08 -12.88
H10 L80 B . 2.74 -3.79 -12.75
H L80 B . 2.86 -6.79 -16.68
H8 L80 B . 0.69 -8.00 -15.90
H9 L80 B . 1.14 -7.79 -14.22
#